data_9L9I
#
_entry.id   9L9I
#
_cell.length_a   44.954
_cell.length_b   58.310
_cell.length_c   92.649
_cell.angle_alpha   90.00
_cell.angle_beta   90.00
_cell.angle_gamma   90.00
#
_symmetry.space_group_name_H-M   'P 21 21 21'
#
loop_
_entity.id
_entity.type
_entity.pdbx_description
1 polymer 'Kinase D-interacting substrate of 220 kDa,Gamma-aminobutyric acid receptor-associated protein'
2 water water
#
_entity_poly.entity_id   1
_entity_poly.type   'polypeptide(L)'
_entity_poly.pdbx_seq_one_letter_code
;GPGSMSVLISQSVINYVEEENIPALKALLEKCKDVDERNECGQTPLMLAAEQGNVEIVKELLKNGANCNLEDLDNWTALI
SASKEGHIHIVEELLKSGASLEHRDMGGWTALMWACYKGRTDVVELLLSHGANPGSLVPRGSMKFVYKEEHPFEKRRSEG
EKIRKKYPDRVPVIVEKAPKARIGDLDKKKYLVPSDLTVGQFYFLIRKRIHLRAEDALFFFVNNVIPPTSATMGQLYQEH
HEEDFFLYIAYSDESVYGL
;
_entity_poly.pdbx_strand_id   A
#
# COMPACT_ATOMS: atom_id res chain seq x y z
N GLY A 3 5.85 25.19 -11.85
CA GLY A 3 6.64 23.98 -11.89
C GLY A 3 8.04 24.15 -12.47
N SER A 4 8.27 25.28 -13.15
CA SER A 4 9.58 25.53 -13.72
C SER A 4 10.66 25.54 -12.65
N MET A 5 10.30 25.89 -11.41
CA MET A 5 11.20 25.86 -10.27
C MET A 5 11.02 24.64 -9.37
N SER A 6 9.98 23.83 -9.58
CA SER A 6 9.64 22.77 -8.61
C SER A 6 10.75 21.73 -8.53
N VAL A 7 11.26 21.31 -9.70
CA VAL A 7 12.31 20.31 -9.70
C VAL A 7 13.57 20.85 -9.06
N LEU A 8 13.90 22.13 -9.32
CA LEU A 8 15.09 22.72 -8.73
C LEU A 8 15.03 22.77 -7.20
N ILE A 9 13.89 23.20 -6.66
CA ILE A 9 13.76 23.23 -5.20
C ILE A 9 13.84 21.83 -4.63
N SER A 10 13.14 20.87 -5.27
CA SER A 10 13.23 19.48 -4.83
C SER A 10 14.68 19.00 -4.81
N GLN A 11 15.44 19.33 -5.86
CA GLN A 11 16.83 18.91 -5.95
C GLN A 11 17.69 19.57 -4.88
N SER A 12 17.45 20.84 -4.59
CA SER A 12 18.24 21.48 -3.54
C SER A 12 17.96 20.85 -2.18
N VAL A 13 16.69 20.49 -1.93
CA VAL A 13 16.40 19.71 -0.72
C VAL A 13 17.18 18.41 -0.73
N ILE A 14 17.15 17.70 -1.86
CA ILE A 14 17.82 16.41 -1.94
C ILE A 14 19.33 16.57 -1.76
N ASN A 15 19.89 17.67 -2.27
CA ASN A 15 21.32 17.94 -2.08
C ASN A 15 21.66 18.10 -0.61
N TYR A 16 20.82 18.83 0.14
CA TYR A 16 21.13 18.94 1.57
C TYR A 16 20.93 17.62 2.29
N VAL A 17 19.97 16.80 1.82
CA VAL A 17 19.82 15.45 2.35
C VAL A 17 21.09 14.63 2.12
N GLU A 18 21.60 14.66 0.89
CA GLU A 18 22.76 13.87 0.53
C GLU A 18 24.01 14.36 1.23
N GLU A 19 24.14 15.68 1.38
CA GLU A 19 25.25 16.25 2.14
C GLU A 19 25.04 16.13 3.64
N GLU A 20 23.84 15.71 4.07
CA GLU A 20 23.50 15.63 5.49
C GLU A 20 23.71 16.97 6.20
N ASN A 21 23.27 18.04 5.53
CA ASN A 21 23.36 19.40 6.05
C ASN A 21 22.03 19.75 6.71
N ILE A 22 21.91 19.43 8.00
CA ILE A 22 20.63 19.64 8.70
C ILE A 22 20.25 21.11 8.82
N PRO A 23 21.14 22.03 9.18
CA PRO A 23 20.72 23.44 9.22
C PRO A 23 20.24 24.01 7.89
N ALA A 24 21.01 23.80 6.81
CA ALA A 24 20.55 24.28 5.51
C ALA A 24 19.24 23.62 5.12
N LEU A 25 19.10 22.32 5.42
CA LEU A 25 17.86 21.62 5.11
C LEU A 25 16.69 22.26 5.83
N LYS A 26 16.82 22.47 7.14
CA LYS A 26 15.72 23.06 7.91
C LYS A 26 15.38 24.45 7.41
N ALA A 27 16.41 25.24 7.09
CA ALA A 27 16.16 26.59 6.58
C ALA A 27 15.40 26.54 5.27
N LEU A 28 15.79 25.64 4.35
CA LEU A 28 15.06 25.52 3.10
C LEU A 28 13.64 25.03 3.32
N LEU A 29 13.48 24.02 4.19
CA LEU A 29 12.16 23.43 4.45
C LEU A 29 11.21 24.45 5.05
N GLU A 30 11.73 25.39 5.83
CA GLU A 30 10.90 26.48 6.32
C GLU A 30 10.42 27.41 5.21
N LYS A 31 11.01 27.30 4.01
CA LYS A 31 10.60 28.12 2.88
C LYS A 31 9.89 27.34 1.78
N CYS A 32 9.89 26.01 1.83
CA CYS A 32 9.16 25.22 0.84
C CYS A 32 7.68 25.20 1.15
N LYS A 33 6.87 25.34 0.12
CA LYS A 33 5.43 25.19 0.31
C LYS A 33 4.99 23.74 0.19
N ASP A 34 5.87 22.82 -0.19
CA ASP A 34 5.58 21.40 -0.17
C ASP A 34 6.89 20.65 -0.02
N VAL A 35 7.09 20.08 1.17
CA VAL A 35 8.28 19.30 1.44
C VAL A 35 8.35 18.06 0.55
N ASP A 36 7.21 17.59 0.04
CA ASP A 36 7.14 16.41 -0.79
C ASP A 36 7.28 16.72 -2.27
N GLU A 37 7.74 17.92 -2.64
CA GLU A 37 7.91 18.22 -4.05
C GLU A 37 8.93 17.26 -4.66
N ARG A 38 8.57 16.67 -5.79
CA ARG A 38 9.32 15.55 -6.32
C ARG A 38 10.40 16.03 -7.26
N ASN A 39 11.47 15.24 -7.37
CA ASN A 39 12.49 15.50 -8.39
C ASN A 39 11.90 15.09 -9.74
N GLU A 40 12.74 15.10 -10.78
CA GLU A 40 12.29 14.80 -12.13
C GLU A 40 11.92 13.35 -12.34
N CYS A 41 12.26 12.45 -11.41
CA CYS A 41 11.85 11.05 -11.46
C CYS A 41 10.70 10.75 -10.51
N GLY A 42 10.04 11.77 -9.98
CA GLY A 42 8.88 11.52 -9.14
C GLY A 42 9.20 11.05 -7.75
N GLN A 43 10.45 11.17 -7.32
CA GLN A 43 10.86 10.79 -5.96
C GLN A 43 10.73 11.99 -5.03
N THR A 44 10.24 11.75 -3.83
CA THR A 44 10.20 12.78 -2.82
C THR A 44 11.53 12.87 -2.06
N PRO A 45 11.82 14.02 -1.45
CA PRO A 45 13.01 14.08 -0.58
C PRO A 45 13.00 13.02 0.52
N LEU A 46 11.84 12.69 1.07
CA LEU A 46 11.78 11.63 2.09
C LEU A 46 12.29 10.30 1.53
N MET A 47 11.87 9.94 0.32
CA MET A 47 12.35 8.70 -0.30
C MET A 47 13.86 8.70 -0.45
N LEU A 48 14.44 9.82 -0.88
CA LEU A 48 15.90 9.86 -0.99
C LEU A 48 16.56 9.86 0.38
N ALA A 49 15.95 10.51 1.37
CA ALA A 49 16.51 10.47 2.72
C ALA A 49 16.46 9.08 3.31
N ALA A 50 15.42 8.31 2.96
CA ALA A 50 15.27 6.94 3.45
C ALA A 50 16.38 6.04 2.96
N GLU A 51 16.87 6.27 1.74
CA GLU A 51 17.99 5.49 1.24
C GLU A 51 19.32 6.02 1.76
N GLN A 52 19.41 7.34 2.00
CA GLN A 52 20.64 7.94 2.50
C GLN A 52 21.05 7.36 3.84
N GLY A 53 20.13 7.29 4.79
CA GLY A 53 20.41 6.67 6.07
C GLY A 53 20.63 7.58 7.27
N ASN A 54 20.35 8.88 7.15
CA ASN A 54 20.46 9.78 8.30
C ASN A 54 19.08 9.89 8.91
N VAL A 55 18.91 9.34 10.12
CA VAL A 55 17.60 9.36 10.76
C VAL A 55 17.17 10.78 11.11
N GLU A 56 18.11 11.67 11.42
CA GLU A 56 17.74 13.04 11.80
C GLU A 56 17.16 13.81 10.61
N ILE A 57 17.70 13.58 9.41
CA ILE A 57 17.11 14.13 8.19
C ILE A 57 15.68 13.64 8.00
N VAL A 58 15.47 12.32 8.17
CA VAL A 58 14.12 11.76 8.03
C VAL A 58 13.18 12.38 9.05
N LYS A 59 13.63 12.52 10.30
CA LYS A 59 12.79 13.10 11.34
C LYS A 59 12.42 14.53 10.99
N GLU A 60 13.37 15.32 10.47
CA GLU A 60 13.05 16.69 10.11
C GLU A 60 12.04 16.76 8.98
N LEU A 61 12.20 15.90 7.97
CA LEU A 61 11.22 15.88 6.89
C LEU A 61 9.83 15.50 7.39
N LEU A 62 9.74 14.47 8.25
CA LEU A 62 8.42 14.09 8.76
C LEU A 62 7.84 15.19 9.64
N LYS A 63 8.70 15.88 10.39
CA LYS A 63 8.27 16.98 11.25
C LYS A 63 7.67 18.12 10.44
N ASN A 64 8.11 18.28 9.20
CA ASN A 64 7.64 19.30 8.29
C ASN A 64 6.52 18.82 7.40
N GLY A 65 5.94 17.66 7.69
CA GLY A 65 4.76 17.20 7.01
C GLY A 65 4.96 16.19 5.89
N ALA A 66 6.15 15.60 5.74
CA ALA A 66 6.35 14.65 4.66
C ALA A 66 5.37 13.48 4.77
N ASN A 67 4.80 13.09 3.62
CA ASN A 67 3.85 11.97 3.58
C ASN A 67 4.62 10.68 3.28
N CYS A 68 4.80 9.84 4.30
CA CYS A 68 5.60 8.62 4.12
C CYS A 68 4.90 7.57 3.27
N ASN A 69 3.62 7.74 2.95
CA ASN A 69 2.89 6.77 2.13
C ASN A 69 2.85 7.12 0.63
N LEU A 70 3.56 8.15 0.21
CA LEU A 70 3.73 8.45 -1.21
C LEU A 70 4.63 7.39 -1.87
N GLU A 71 4.51 7.26 -3.19
CA GLU A 71 5.25 6.27 -3.96
C GLU A 71 5.83 6.91 -5.22
N ASP A 72 6.95 6.38 -5.72
CA ASP A 72 7.51 6.91 -6.96
C ASP A 72 6.96 6.12 -8.15
N LEU A 73 7.58 6.28 -9.33
CA LEU A 73 7.08 5.64 -10.55
C LEU A 73 7.36 4.14 -10.61
N ASP A 74 8.23 3.64 -9.74
CA ASP A 74 8.40 2.21 -9.54
C ASP A 74 7.56 1.68 -8.39
N ASN A 75 6.59 2.47 -7.90
CA ASN A 75 5.80 2.18 -6.72
C ASN A 75 6.67 1.97 -5.47
N TRP A 76 7.88 2.52 -5.46
CA TRP A 76 8.74 2.44 -4.29
C TRP A 76 8.38 3.49 -3.26
N THR A 77 8.60 3.16 -1.99
CA THR A 77 8.27 4.03 -0.89
C THR A 77 9.51 4.23 -0.03
N ALA A 78 9.39 5.19 0.90
CA ALA A 78 10.47 5.41 1.86
C ALA A 78 10.71 4.18 2.71
N LEU A 79 9.62 3.48 3.09
CA LEU A 79 9.77 2.30 3.94
C LEU A 79 10.51 1.18 3.22
N ILE A 80 10.21 0.96 1.94
CA ILE A 80 10.92 -0.07 1.20
C ILE A 80 12.40 0.28 1.04
N SER A 81 12.69 1.56 0.83
CA SER A 81 14.09 1.98 0.69
C SER A 81 14.85 1.75 1.99
N ALA A 82 14.28 2.18 3.11
CA ALA A 82 14.96 2.03 4.40
C ALA A 82 15.08 0.57 4.80
N SER A 83 14.09 -0.24 4.43
CA SER A 83 14.11 -1.66 4.76
C SER A 83 15.14 -2.41 3.93
N LYS A 84 15.19 -2.13 2.62
CA LYS A 84 16.22 -2.70 1.75
C LYS A 84 17.61 -2.34 2.24
N GLU A 85 17.82 -1.07 2.62
CA GLU A 85 19.15 -0.67 3.07
C GLU A 85 19.44 -1.05 4.52
N GLY A 86 18.44 -1.52 5.25
CA GLY A 86 18.65 -1.91 6.63
C GLY A 86 18.79 -0.76 7.62
N HIS A 87 18.12 0.38 7.38
CA HIS A 87 18.24 1.54 8.28
C HIS A 87 17.16 1.42 9.33
N ILE A 88 17.50 0.79 10.45
CA ILE A 88 16.48 0.32 11.38
C ILE A 88 15.76 1.49 12.06
N HIS A 89 16.50 2.57 12.37
CA HIS A 89 15.87 3.70 13.05
C HIS A 89 15.00 4.50 12.11
N ILE A 90 15.41 4.60 10.85
CA ILE A 90 14.54 5.22 9.85
C ILE A 90 13.26 4.39 9.68
N VAL A 91 13.39 3.07 9.59
CA VAL A 91 12.22 2.21 9.53
C VAL A 91 11.28 2.48 10.72
N GLU A 92 11.85 2.58 11.92
CA GLU A 92 11.01 2.82 13.10
C GLU A 92 10.30 4.17 13.00
N GLU A 93 11.01 5.22 12.58
CA GLU A 93 10.36 6.52 12.46
C GLU A 93 9.24 6.50 11.43
N LEU A 94 9.45 5.81 10.30
CA LEU A 94 8.41 5.73 9.27
C LEU A 94 7.19 4.96 9.76
N LEU A 95 7.41 3.84 10.46
CA LEU A 95 6.28 3.09 11.00
C LEU A 95 5.49 3.92 11.99
N LYS A 96 6.20 4.67 12.85
CA LYS A 96 5.53 5.56 13.80
C LYS A 96 4.70 6.62 13.09
N SER A 97 5.10 7.05 11.90
CA SER A 97 4.34 8.05 11.15
C SER A 97 3.22 7.43 10.33
N GLY A 98 3.01 6.13 10.44
CA GLY A 98 1.91 5.48 9.75
C GLY A 98 2.22 4.89 8.41
N ALA A 99 3.50 4.63 8.09
CA ALA A 99 3.81 3.99 6.82
C ALA A 99 3.11 2.65 6.72
N SER A 100 2.54 2.39 5.54
CA SER A 100 1.88 1.11 5.27
C SER A 100 2.91 -0.01 5.19
N LEU A 101 2.66 -1.10 5.92
CA LEU A 101 3.60 -2.23 5.92
C LEU A 101 3.50 -3.05 4.64
N GLU A 102 2.29 -3.19 4.08
CA GLU A 102 2.05 -4.17 3.03
C GLU A 102 2.05 -3.60 1.62
N HIS A 103 2.37 -2.31 1.46
CA HIS A 103 2.51 -1.76 0.11
C HIS A 103 3.56 -2.52 -0.67
N ARG A 104 3.25 -2.84 -1.92
CA ARG A 104 4.16 -3.56 -2.80
C ARG A 104 4.70 -2.63 -3.86
N ASP A 105 5.97 -2.84 -4.23
CA ASP A 105 6.54 -2.09 -5.35
C ASP A 105 6.01 -2.67 -6.66
N MET A 106 6.53 -2.15 -7.78
CA MET A 106 6.09 -2.60 -9.10
C MET A 106 6.36 -4.08 -9.30
N GLY A 107 7.38 -4.63 -8.65
CA GLY A 107 7.63 -6.05 -8.74
C GLY A 107 6.79 -6.92 -7.84
N GLY A 108 5.91 -6.34 -7.03
CA GLY A 108 5.12 -7.10 -6.09
C GLY A 108 5.77 -7.37 -4.74
N TRP A 109 6.92 -6.75 -4.46
CA TRP A 109 7.64 -6.99 -3.21
C TRP A 109 7.25 -5.95 -2.16
N THR A 110 7.08 -6.42 -0.92
CA THR A 110 6.87 -5.55 0.22
C THR A 110 8.20 -5.17 0.86
N ALA A 111 8.12 -4.29 1.87
CA ALA A 111 9.31 -3.93 2.65
C ALA A 111 9.88 -5.14 3.37
N LEU A 112 9.01 -6.00 3.91
CA LEU A 112 9.52 -7.20 4.59
C LEU A 112 10.26 -8.11 3.62
N MET A 113 9.73 -8.27 2.40
CA MET A 113 10.41 -9.12 1.41
C MET A 113 11.77 -8.57 1.05
N TRP A 114 11.87 -7.25 0.89
CA TRP A 114 13.16 -6.63 0.63
C TRP A 114 14.12 -6.83 1.80
N ALA A 115 13.63 -6.68 3.04
CA ALA A 115 14.51 -6.84 4.19
C ALA A 115 15.04 -8.27 4.29
N CYS A 116 14.18 -9.25 4.03
CA CYS A 116 14.58 -10.65 4.02
C CYS A 116 15.57 -10.95 2.91
N TYR A 117 15.26 -10.46 1.70
CA TYR A 117 16.16 -10.63 0.56
C TYR A 117 17.57 -10.13 0.90
N LYS A 118 17.67 -8.99 1.56
CA LYS A 118 18.97 -8.41 1.86
C LYS A 118 19.54 -8.85 3.20
N GLY A 119 18.84 -9.71 3.94
CA GLY A 119 19.36 -10.16 5.23
C GLY A 119 19.41 -9.09 6.31
N ARG A 120 18.40 -8.24 6.36
CA ARG A 120 18.35 -7.15 7.34
C ARG A 120 17.67 -7.68 8.59
N THR A 121 18.46 -8.34 9.44
CA THR A 121 17.88 -9.13 10.53
C THR A 121 17.00 -8.28 11.44
N ASP A 122 17.54 -7.15 11.90
CA ASP A 122 16.81 -6.29 12.84
C ASP A 122 15.57 -5.68 12.20
N VAL A 123 15.68 -5.29 10.93
CA VAL A 123 14.51 -4.74 10.24
C VAL A 123 13.40 -5.79 10.14
N VAL A 124 13.76 -7.04 9.82
CA VAL A 124 12.75 -8.08 9.73
C VAL A 124 12.04 -8.22 11.07
N GLU A 125 12.81 -8.28 12.17
CA GLU A 125 12.17 -8.41 13.47
C GLU A 125 11.26 -7.22 13.76
N LEU A 126 11.72 -6.01 13.42
CA LEU A 126 10.89 -4.83 13.70
C LEU A 126 9.61 -4.84 12.88
N LEU A 127 9.70 -5.16 11.59
CA LEU A 127 8.51 -5.15 10.74
C LEU A 127 7.51 -6.20 11.20
N LEU A 128 7.99 -7.41 11.52
CA LEU A 128 7.11 -8.44 12.04
C LEU A 128 6.48 -8.02 13.37
N SER A 129 7.25 -7.31 14.20
CA SER A 129 6.74 -6.83 15.48
C SER A 129 5.57 -5.86 15.29
N HIS A 130 5.53 -5.16 14.17
CA HIS A 130 4.45 -4.22 13.86
C HIS A 130 3.33 -4.84 13.04
N GLY A 131 3.37 -6.14 12.77
CA GLY A 131 2.29 -6.81 12.09
C GLY A 131 2.50 -7.16 10.63
N ALA A 132 3.72 -7.03 10.10
CA ALA A 132 3.94 -7.35 8.70
C ALA A 132 3.62 -8.81 8.43
N ASN A 133 2.95 -9.07 7.31
CA ASN A 133 2.44 -10.40 7.02
C ASN A 133 3.58 -11.31 6.56
N PRO A 134 3.82 -12.44 7.24
CA PRO A 134 4.89 -13.37 6.88
C PRO A 134 4.51 -14.21 5.66
N MET A 143 -0.36 -8.95 -9.87
CA MET A 143 -1.55 -8.17 -10.18
C MET A 143 -1.65 -6.91 -9.33
N LYS A 144 -2.12 -5.83 -9.94
CA LYS A 144 -2.34 -4.56 -9.27
C LYS A 144 -3.80 -4.15 -9.42
N PHE A 145 -4.45 -3.84 -8.31
CA PHE A 145 -5.84 -3.40 -8.32
C PHE A 145 -5.92 -1.95 -8.81
N VAL A 146 -6.82 -1.69 -9.76
CA VAL A 146 -7.00 -0.33 -10.26
C VAL A 146 -7.40 0.61 -9.14
N TYR A 147 -8.29 0.17 -8.25
CA TYR A 147 -8.70 1.01 -7.12
C TYR A 147 -7.49 1.40 -6.28
N LYS A 148 -6.58 0.47 -6.04
CA LYS A 148 -5.41 0.79 -5.23
C LYS A 148 -4.42 1.67 -5.98
N GLU A 149 -4.19 1.36 -7.26
CA GLU A 149 -3.19 2.11 -8.02
C GLU A 149 -3.62 3.54 -8.26
N GLU A 150 -4.92 3.78 -8.44
CA GLU A 150 -5.39 5.09 -8.89
C GLU A 150 -5.88 5.99 -7.76
N HIS A 151 -5.81 5.55 -6.49
CA HIS A 151 -6.20 6.40 -5.38
C HIS A 151 -5.10 6.34 -4.33
N PRO A 152 -4.61 7.50 -3.86
CA PRO A 152 -3.53 7.48 -2.86
C PRO A 152 -3.97 6.77 -1.60
N PHE A 153 -2.98 6.20 -0.90
CA PHE A 153 -3.25 5.34 0.25
C PHE A 153 -4.11 6.04 1.31
N GLU A 154 -3.82 7.29 1.62
CA GLU A 154 -4.52 7.93 2.73
C GLU A 154 -5.95 8.31 2.34
N LYS A 155 -6.21 8.57 1.06
CA LYS A 155 -7.57 8.73 0.58
C LYS A 155 -8.37 7.43 0.78
N ARG A 156 -7.78 6.31 0.38
CA ARG A 156 -8.46 5.02 0.56
C ARG A 156 -8.69 4.73 2.04
N ARG A 157 -7.69 5.00 2.88
CA ARG A 157 -7.83 4.73 4.31
C ARG A 157 -8.94 5.58 4.93
N SER A 158 -9.05 6.84 4.52
CA SER A 158 -10.17 7.65 5.01
C SER A 158 -11.51 7.07 4.59
N GLU A 159 -11.61 6.62 3.33
CA GLU A 159 -12.87 6.02 2.89
C GLU A 159 -13.16 4.73 3.66
N GLY A 160 -12.15 3.89 3.85
CA GLY A 160 -12.36 2.62 4.55
C GLY A 160 -12.76 2.84 6.00
N GLU A 161 -12.13 3.82 6.66
CA GLU A 161 -12.48 4.13 8.04
C GLU A 161 -13.90 4.69 8.13
N LYS A 162 -14.27 5.53 7.17
CA LYS A 162 -15.65 6.01 7.10
C LYS A 162 -16.62 4.84 7.03
N ILE A 163 -16.34 3.89 6.13
CA ILE A 163 -17.23 2.76 5.94
C ILE A 163 -17.30 1.90 7.19
N ARG A 164 -16.17 1.73 7.88
CA ARG A 164 -16.20 0.93 9.09
C ARG A 164 -17.00 1.61 10.20
N LYS A 165 -16.95 2.95 10.25
CA LYS A 165 -17.72 3.68 11.27
C LYS A 165 -19.22 3.68 10.95
N LYS A 166 -19.59 3.96 9.71
CA LYS A 166 -21.00 4.13 9.41
C LYS A 166 -21.75 2.82 9.24
N TYR A 167 -21.08 1.75 8.80
CA TYR A 167 -21.76 0.49 8.53
C TYR A 167 -21.09 -0.64 9.28
N PRO A 168 -21.12 -0.61 10.62
CA PRO A 168 -20.30 -1.57 11.39
C PRO A 168 -20.78 -3.01 11.29
N ASP A 169 -21.98 -3.26 10.76
CA ASP A 169 -22.46 -4.62 10.60
C ASP A 169 -21.94 -5.28 9.33
N ARG A 170 -21.26 -4.54 8.47
CA ARG A 170 -20.85 -5.01 7.16
C ARG A 170 -19.38 -4.71 6.96
N VAL A 171 -18.79 -5.35 5.95
CA VAL A 171 -17.37 -5.14 5.63
C VAL A 171 -17.24 -4.67 4.19
N PRO A 172 -16.35 -3.70 3.93
CA PRO A 172 -16.10 -3.23 2.56
C PRO A 172 -15.12 -4.12 1.82
N VAL A 173 -15.43 -4.38 0.56
CA VAL A 173 -14.64 -5.27 -0.29
C VAL A 173 -14.46 -4.60 -1.64
N ILE A 174 -13.24 -4.66 -2.17
CA ILE A 174 -13.00 -4.27 -3.56
C ILE A 174 -12.80 -5.55 -4.37
N VAL A 175 -13.54 -5.69 -5.47
CA VAL A 175 -13.47 -6.89 -6.29
C VAL A 175 -13.09 -6.49 -7.71
N GLU A 176 -12.04 -7.11 -8.25
CA GLU A 176 -11.59 -6.79 -9.61
C GLU A 176 -11.18 -8.05 -10.33
N LYS A 177 -11.31 -8.03 -11.66
CA LYS A 177 -10.95 -9.16 -12.48
C LYS A 177 -9.43 -9.28 -12.58
N ALA A 178 -8.92 -10.52 -12.43
CA ALA A 178 -7.49 -10.77 -12.48
C ALA A 178 -6.96 -10.46 -13.89
N PRO A 179 -5.65 -10.13 -13.99
CA PRO A 179 -5.08 -9.77 -15.29
C PRO A 179 -5.32 -10.80 -16.38
N LYS A 180 -6.03 -10.39 -17.44
CA LYS A 180 -6.20 -11.17 -18.64
C LYS A 180 -6.84 -12.54 -18.32
N ALA A 181 -8.04 -12.47 -17.78
CA ALA A 181 -8.83 -13.66 -17.48
C ALA A 181 -9.97 -13.77 -18.47
N ARG A 182 -10.26 -15.00 -18.90
CA ARG A 182 -11.36 -15.26 -19.84
C ARG A 182 -12.66 -15.28 -19.05
N ILE A 183 -13.19 -14.08 -18.79
CA ILE A 183 -14.42 -13.93 -18.04
C ILE A 183 -14.92 -12.50 -18.20
N GLY A 184 -16.24 -12.31 -18.07
CA GLY A 184 -16.81 -10.97 -18.14
C GLY A 184 -16.37 -10.08 -16.99
N ASP A 185 -16.59 -8.79 -17.17
CA ASP A 185 -16.18 -7.78 -16.20
C ASP A 185 -17.37 -7.39 -15.31
N LEU A 186 -17.03 -6.89 -14.12
CA LEU A 186 -18.04 -6.41 -13.18
C LEU A 186 -18.36 -4.95 -13.45
N ASP A 187 -19.65 -4.60 -13.36
CA ASP A 187 -20.02 -3.20 -13.51
C ASP A 187 -19.69 -2.39 -12.27
N LYS A 188 -19.65 -3.03 -11.10
CA LYS A 188 -19.33 -2.36 -9.84
C LYS A 188 -18.20 -3.11 -9.15
N LYS A 189 -17.25 -2.38 -8.57
CA LYS A 189 -16.14 -3.03 -7.88
C LYS A 189 -16.22 -2.91 -6.37
N LYS A 190 -17.08 -2.03 -5.84
CA LYS A 190 -17.14 -1.79 -4.41
C LYS A 190 -18.35 -2.51 -3.82
N TYR A 191 -18.10 -3.32 -2.80
CA TYR A 191 -19.11 -4.14 -2.18
C TYR A 191 -19.09 -3.89 -0.68
N LEU A 192 -20.26 -4.07 -0.08
CA LEU A 192 -20.45 -3.86 1.36
C LEU A 192 -21.34 -5.02 1.80
N VAL A 193 -20.78 -5.98 2.52
CA VAL A 193 -21.57 -7.19 2.73
C VAL A 193 -21.69 -7.50 4.22
N PRO A 194 -22.77 -8.15 4.66
CA PRO A 194 -22.88 -8.49 6.08
C PRO A 194 -21.70 -9.36 6.51
N SER A 195 -21.24 -9.15 7.75
CA SER A 195 -20.06 -9.88 8.20
C SER A 195 -20.32 -11.37 8.28
N ASP A 196 -21.57 -11.80 8.48
CA ASP A 196 -21.89 -13.22 8.58
C ASP A 196 -22.26 -13.85 7.24
N LEU A 197 -22.27 -13.10 6.14
CA LEU A 197 -22.36 -13.72 4.82
C LEU A 197 -21.14 -14.61 4.60
N THR A 198 -21.35 -15.81 4.06
CA THR A 198 -20.19 -16.68 3.84
C THR A 198 -19.50 -16.34 2.53
N VAL A 199 -18.26 -16.80 2.40
CA VAL A 199 -17.53 -16.65 1.15
C VAL A 199 -18.29 -17.33 0.00
N GLY A 200 -18.93 -18.48 0.28
CA GLY A 200 -19.70 -19.14 -0.77
C GLY A 200 -20.87 -18.32 -1.28
N GLN A 201 -21.63 -17.71 -0.35
CA GLN A 201 -22.72 -16.83 -0.78
C GLN A 201 -22.18 -15.68 -1.62
N PHE A 202 -21.01 -15.15 -1.27
CA PHE A 202 -20.44 -14.05 -2.03
C PHE A 202 -20.00 -14.51 -3.43
N TYR A 203 -19.43 -15.72 -3.52
CA TYR A 203 -19.18 -16.34 -4.82
C TYR A 203 -20.42 -16.26 -5.67
N PHE A 204 -21.56 -16.68 -5.11
CA PHE A 204 -22.79 -16.71 -5.89
C PHE A 204 -23.24 -15.31 -6.29
N LEU A 205 -23.12 -14.34 -5.39
CA LEU A 205 -23.49 -12.96 -5.74
C LEU A 205 -22.66 -12.42 -6.91
N ILE A 206 -21.34 -12.63 -6.85
CA ILE A 206 -20.48 -12.16 -7.92
C ILE A 206 -20.77 -12.91 -9.23
N ARG A 207 -20.99 -14.23 -9.15
CA ARG A 207 -21.30 -15.00 -10.34
C ARG A 207 -22.57 -14.46 -11.02
N LYS A 208 -23.59 -14.15 -10.21
CA LYS A 208 -24.83 -13.58 -10.75
C LYS A 208 -24.58 -12.23 -11.40
N ARG A 209 -23.72 -11.40 -10.80
CA ARG A 209 -23.44 -10.10 -11.39
C ARG A 209 -22.66 -10.20 -12.70
N ILE A 210 -21.81 -11.22 -12.85
CA ILE A 210 -21.07 -11.42 -14.10
C ILE A 210 -21.89 -12.18 -15.14
N HIS A 211 -23.03 -12.73 -14.76
CA HIS A 211 -23.93 -13.45 -15.68
C HIS A 211 -23.23 -14.69 -16.27
N LEU A 212 -22.88 -15.60 -15.39
CA LEU A 212 -22.17 -16.82 -15.77
C LEU A 212 -23.12 -18.00 -15.83
N ARG A 213 -22.67 -19.04 -16.53
CA ARG A 213 -23.32 -20.35 -16.54
C ARG A 213 -22.68 -21.23 -15.47
N ALA A 214 -23.42 -22.27 -15.06
CA ALA A 214 -22.95 -23.15 -14.00
C ALA A 214 -21.64 -23.85 -14.38
N GLU A 215 -21.43 -24.10 -15.67
CA GLU A 215 -20.19 -24.72 -16.13
C GLU A 215 -19.02 -23.73 -16.17
N ASP A 216 -19.30 -22.43 -16.10
CA ASP A 216 -18.25 -21.41 -16.12
C ASP A 216 -17.64 -21.30 -14.73
N ALA A 217 -16.34 -21.54 -14.65
CA ALA A 217 -15.63 -21.53 -13.37
C ALA A 217 -15.37 -20.11 -12.90
N LEU A 218 -15.42 -19.92 -11.58
CA LEU A 218 -15.02 -18.66 -10.98
C LEU A 218 -14.16 -18.95 -9.77
N PHE A 219 -12.98 -18.35 -9.74
CA PHE A 219 -12.07 -18.45 -8.62
C PHE A 219 -11.93 -17.09 -7.94
N PHE A 220 -11.83 -17.12 -6.61
CA PHE A 220 -11.48 -15.95 -5.81
C PHE A 220 -10.06 -16.07 -5.29
N PHE A 221 -9.35 -14.94 -5.26
CA PHE A 221 -8.03 -14.86 -4.67
C PHE A 221 -7.98 -13.65 -3.77
N VAL A 222 -7.52 -13.86 -2.54
CA VAL A 222 -7.26 -12.77 -1.61
C VAL A 222 -5.83 -12.97 -1.13
N ASN A 223 -5.00 -11.94 -1.31
CA ASN A 223 -3.57 -12.03 -0.97
C ASN A 223 -2.97 -13.30 -1.58
N ASN A 224 -3.31 -13.54 -2.84
CA ASN A 224 -2.85 -14.66 -3.65
C ASN A 224 -3.25 -16.04 -3.10
N VAL A 225 -4.24 -16.13 -2.21
CA VAL A 225 -4.72 -17.45 -1.79
C VAL A 225 -6.22 -17.54 -2.03
N ILE A 226 -6.71 -18.77 -2.18
CA ILE A 226 -8.13 -19.04 -2.37
C ILE A 226 -8.76 -19.11 -0.99
N PRO A 227 -9.80 -18.33 -0.73
CA PRO A 227 -10.45 -18.37 0.59
C PRO A 227 -11.40 -19.55 0.67
N PRO A 228 -11.45 -20.22 1.82
CA PRO A 228 -12.43 -21.31 1.99
C PRO A 228 -13.85 -20.78 1.92
N THR A 229 -14.74 -21.56 1.30
CA THR A 229 -16.09 -21.06 1.09
C THR A 229 -16.91 -21.01 2.39
N SER A 230 -16.54 -21.78 3.41
CA SER A 230 -17.32 -21.78 4.65
C SER A 230 -16.96 -20.64 5.58
N ALA A 231 -15.88 -19.92 5.33
CA ALA A 231 -15.56 -18.75 6.13
C ALA A 231 -16.60 -17.67 5.91
N THR A 232 -16.82 -16.85 6.93
CA THR A 232 -17.66 -15.67 6.73
C THR A 232 -16.81 -14.54 6.15
N MET A 233 -17.49 -13.57 5.52
CA MET A 233 -16.77 -12.41 5.02
C MET A 233 -16.15 -11.60 6.15
N GLY A 234 -16.78 -11.60 7.32
CA GLY A 234 -16.18 -10.92 8.47
C GLY A 234 -14.88 -11.58 8.90
N GLN A 235 -14.85 -12.91 8.91
CA GLN A 235 -13.61 -13.62 9.23
C GLN A 235 -12.54 -13.35 8.18
N LEU A 236 -12.93 -13.44 6.90
CA LEU A 236 -11.99 -13.18 5.84
C LEU A 236 -11.43 -11.77 5.95
N TYR A 237 -12.32 -10.81 6.24
CA TYR A 237 -11.90 -9.42 6.41
C TYR A 237 -10.94 -9.28 7.58
N GLN A 238 -11.26 -9.87 8.74
CA GLN A 238 -10.35 -9.74 9.88
C GLN A 238 -9.00 -10.35 9.56
N GLU A 239 -8.95 -11.40 8.73
CA GLU A 239 -7.65 -11.98 8.40
C GLU A 239 -6.89 -11.18 7.35
N HIS A 240 -7.58 -10.64 6.36
CA HIS A 240 -6.93 -10.21 5.13
C HIS A 240 -7.08 -8.73 4.80
N HIS A 241 -7.85 -7.94 5.56
CA HIS A 241 -8.07 -6.57 5.14
C HIS A 241 -6.75 -5.82 5.12
N GLU A 242 -6.62 -4.90 4.17
CA GLU A 242 -5.40 -4.11 4.07
C GLU A 242 -5.49 -2.93 5.02
N GLU A 243 -4.41 -2.15 5.08
CA GLU A 243 -4.30 -1.06 6.04
C GLU A 243 -5.15 0.14 5.66
N ASP A 244 -5.75 0.15 4.48
CA ASP A 244 -6.77 1.13 4.13
C ASP A 244 -8.17 0.69 4.56
N PHE A 245 -8.27 -0.47 5.24
CA PHE A 245 -9.48 -1.06 5.81
C PHE A 245 -10.40 -1.65 4.76
N PHE A 246 -9.94 -1.81 3.52
CA PHE A 246 -10.63 -2.59 2.50
C PHE A 246 -10.09 -4.00 2.43
N LEU A 247 -10.98 -4.95 2.15
CA LEU A 247 -10.64 -6.30 1.73
C LEU A 247 -10.58 -6.32 0.21
N TYR A 248 -9.53 -6.93 -0.34
CA TYR A 248 -9.33 -6.96 -1.80
C TYR A 248 -9.43 -8.41 -2.30
N ILE A 249 -10.32 -8.62 -3.26
CA ILE A 249 -10.49 -9.94 -3.85
C ILE A 249 -10.36 -9.82 -5.36
N ALA A 250 -9.48 -10.62 -5.95
CA ALA A 250 -9.41 -10.79 -7.39
C ALA A 250 -10.27 -11.99 -7.78
N TYR A 251 -10.91 -11.90 -8.95
CA TYR A 251 -11.63 -13.04 -9.47
C TYR A 251 -11.13 -13.39 -10.86
N SER A 252 -11.21 -14.66 -11.20
CA SER A 252 -10.82 -15.06 -12.54
C SER A 252 -11.49 -16.38 -12.90
N ASP A 253 -11.31 -16.79 -14.14
CA ASP A 253 -11.59 -18.15 -14.55
C ASP A 253 -10.29 -18.95 -14.49
N GLU A 254 -10.32 -20.19 -14.98
CA GLU A 254 -9.13 -21.04 -14.95
C GLU A 254 -8.01 -20.56 -15.86
N SER A 255 -8.30 -19.62 -16.78
CA SER A 255 -7.29 -19.18 -17.75
C SER A 255 -6.11 -18.50 -17.09
N VAL A 256 -6.24 -18.03 -15.85
CA VAL A 256 -5.12 -17.39 -15.17
C VAL A 256 -4.04 -18.40 -14.79
N TYR A 257 -4.33 -19.69 -14.85
CA TYR A 257 -3.34 -20.73 -14.56
C TYR A 257 -2.53 -21.09 -15.81
#